data_4MB7
#
_entry.id   4MB7
#
_cell.length_a   121.670
_cell.length_b   121.670
_cell.length_c   164.180
_cell.angle_alpha   90.00
_cell.angle_beta   90.00
_cell.angle_gamma   120.00
#
_symmetry.space_group_name_H-M   'H 3 2'
#
loop_
_entity.id
_entity.type
_entity.pdbx_description
1 polymer 'Endonuclease 8-like L720'
2 non-polymer 'ZINC ION'
3 non-polymer 'SULFATE ION'
4 water water
#
_entity_poly.entity_id   1
_entity_poly.type   'polypeptide(L)'
_entity_poly.pdbx_seq_one_letter_code
;VEAPRIRITYEKIRHTKNHRIVSISGPSYKRMNVDLIDYIIRKWWFAGKYIYLMLISSNKPTYVIRTHMMMHGRILVGNQ
DSPTKRAFMIIQLDNDIVLRWYRSQITLLDPNCLAEIKTNYTICTTRQAIMDSIKLMKYDLSNNRFDYNLFQSHLKNGIN
IHSSEIITDFLLDQEYFPGVGNILQQEALYDCKILPLKKVQDIDEPMFDCLCNSLKKIIDLLYESYKFRESGKEFGPILR
IYRKSLCPLGHKTIRKKIGLRNRMTTWCPVCQL
;
_entity_poly.pdbx_strand_id   A
#
# COMPACT_ATOMS: atom_id res chain seq x y z
N VAL A 1 1.67 -4.49 -5.34
CA VAL A 1 0.58 -3.53 -5.22
C VAL A 1 1.01 -2.33 -4.38
N GLU A 2 0.84 -1.14 -4.96
CA GLU A 2 1.26 0.11 -4.34
C GLU A 2 0.17 1.15 -4.53
N ALA A 3 0.35 2.32 -3.91
CA ALA A 3 -0.59 3.42 -4.09
C ALA A 3 -0.70 3.79 -5.57
N PRO A 4 -1.90 4.18 -6.02
CA PRO A 4 -3.13 4.33 -5.23
C PRO A 4 -4.05 3.10 -5.35
N ARG A 5 -3.49 1.94 -5.68
CA ARG A 5 -4.31 0.73 -5.83
C ARG A 5 -4.95 0.29 -4.51
N ILE A 6 -4.29 0.56 -3.39
CA ILE A 6 -4.84 0.24 -2.08
C ILE A 6 -6.09 1.08 -1.82
N ARG A 7 -6.00 2.37 -2.08
CA ARG A 7 -7.15 3.27 -1.95
C ARG A 7 -8.29 2.85 -2.86
N ILE A 8 -7.94 2.50 -4.10
CA ILE A 8 -8.93 2.05 -5.08
C ILE A 8 -9.67 0.80 -4.60
N THR A 9 -8.93 -0.15 -4.05
CA THR A 9 -9.52 -1.36 -3.50
C THR A 9 -10.44 -1.02 -2.33
N TYR A 10 -9.97 -0.14 -1.47
CA TYR A 10 -10.75 0.34 -0.33
C TYR A 10 -12.07 0.98 -0.77
N GLU A 11 -12.00 1.84 -1.78
CA GLU A 11 -13.20 2.52 -2.27
C GLU A 11 -14.20 1.55 -2.89
N LYS A 12 -13.70 0.44 -3.43
CA LYS A 12 -14.56 -0.56 -4.05
C LYS A 12 -15.31 -1.44 -3.06
N ILE A 13 -14.73 -1.66 -1.89
CA ILE A 13 -15.30 -2.63 -0.95
C ILE A 13 -15.90 -2.02 0.32
N ARG A 14 -15.67 -0.73 0.54
CA ARG A 14 -16.04 -0.11 1.81
C ARG A 14 -17.55 -0.05 2.06
N HIS A 15 -18.35 -0.19 1.00
N HIS A 15 -18.33 -0.21 0.99
CA HIS A 15 -19.80 -0.14 1.16
CA HIS A 15 -19.78 -0.16 1.08
C HIS A 15 -20.38 -1.49 1.56
C HIS A 15 -20.35 -1.38 1.80
N THR A 16 -19.51 -2.38 2.03
CA THR A 16 -19.94 -3.62 2.68
C THR A 16 -20.09 -3.37 4.18
N LYS A 17 -19.72 -2.17 4.62
CA LYS A 17 -19.89 -1.73 6.00
C LYS A 17 -21.32 -1.96 6.50
N ASN A 18 -21.44 -2.35 7.76
CA ASN A 18 -22.72 -2.60 8.45
C ASN A 18 -23.45 -3.87 8.05
N HIS A 19 -22.81 -4.70 7.22
CA HIS A 19 -23.41 -5.98 6.83
C HIS A 19 -22.87 -7.15 7.64
N ARG A 20 -23.69 -8.19 7.78
CA ARG A 20 -23.36 -9.34 8.61
C ARG A 20 -22.71 -10.46 7.82
N ILE A 21 -21.71 -11.11 8.40
CA ILE A 21 -21.09 -12.26 7.78
C ILE A 21 -21.98 -13.50 7.95
N VAL A 22 -22.45 -14.04 6.83
CA VAL A 22 -23.30 -15.22 6.85
C VAL A 22 -22.45 -16.49 6.77
N SER A 23 -21.46 -16.47 5.89
CA SER A 23 -20.53 -17.57 5.77
C SER A 23 -19.13 -17.05 5.45
N ILE A 24 -18.11 -17.82 5.84
CA ILE A 24 -16.72 -17.42 5.66
C ILE A 24 -15.84 -18.67 5.61
N SER A 25 -14.88 -18.68 4.69
CA SER A 25 -14.03 -19.86 4.51
C SER A 25 -12.72 -19.57 3.78
N GLY A 26 -11.91 -20.61 3.59
CA GLY A 26 -10.62 -20.48 2.94
C GLY A 26 -9.48 -20.78 3.90
N PRO A 27 -8.30 -21.13 3.35
CA PRO A 27 -7.13 -21.45 4.17
C PRO A 27 -6.69 -20.31 5.09
N SER A 28 -6.75 -19.08 4.59
CA SER A 28 -6.37 -17.92 5.39
C SER A 28 -7.33 -17.67 6.54
N TYR A 29 -8.59 -18.06 6.36
CA TYR A 29 -9.58 -17.92 7.43
C TYR A 29 -9.34 -18.97 8.51
N LYS A 30 -9.12 -20.21 8.10
CA LYS A 30 -8.83 -21.31 9.01
C LYS A 30 -7.58 -21.01 9.85
N ARG A 31 -6.58 -20.40 9.21
CA ARG A 31 -5.31 -20.10 9.87
C ARG A 31 -5.49 -19.17 11.05
N MET A 32 -6.47 -18.25 10.96
CA MET A 32 -6.72 -17.30 12.03
C MET A 32 -7.35 -17.96 13.26
N ASN A 33 -7.94 -19.13 13.05
CA ASN A 33 -8.40 -19.99 14.13
C ASN A 33 -9.45 -19.35 15.04
N VAL A 34 -10.32 -18.52 14.47
CA VAL A 34 -11.38 -17.86 15.21
C VAL A 34 -12.69 -17.90 14.41
N ASP A 35 -13.80 -18.22 15.07
CA ASP A 35 -15.10 -18.25 14.42
C ASP A 35 -15.67 -16.84 14.26
N LEU A 36 -15.85 -16.41 13.00
CA LEU A 36 -16.30 -15.05 12.72
C LEU A 36 -17.71 -15.00 12.15
N ILE A 37 -18.41 -16.13 12.18
CA ILE A 37 -19.80 -16.17 11.71
C ILE A 37 -20.66 -15.16 12.47
N ASP A 38 -21.51 -14.44 11.72
CA ASP A 38 -22.45 -13.47 12.28
C ASP A 38 -21.81 -12.21 12.87
N TYR A 39 -20.51 -12.04 12.65
CA TYR A 39 -19.86 -10.78 12.98
C TYR A 39 -20.33 -9.69 12.01
N ILE A 40 -20.24 -8.45 12.45
CA ILE A 40 -20.67 -7.31 11.64
C ILE A 40 -19.46 -6.49 11.18
N ILE A 41 -19.45 -6.14 9.89
CA ILE A 41 -18.43 -5.24 9.38
C ILE A 41 -18.67 -3.83 9.91
N ARG A 42 -17.83 -3.39 10.83
CA ARG A 42 -17.99 -2.09 11.45
C ARG A 42 -17.34 -0.97 10.64
N LYS A 43 -16.13 -1.22 10.14
CA LYS A 43 -15.36 -0.18 9.48
C LYS A 43 -14.22 -0.73 8.61
N TRP A 44 -13.99 -0.09 7.47
CA TRP A 44 -12.80 -0.33 6.67
C TRP A 44 -11.92 0.90 6.75
N TRP A 45 -10.60 0.70 6.72
CA TRP A 45 -9.67 1.79 6.47
C TRP A 45 -8.36 1.24 5.91
N PHE A 46 -7.51 2.12 5.40
CA PHE A 46 -6.24 1.69 4.85
C PHE A 46 -5.13 2.68 5.19
N ALA A 47 -3.91 2.16 5.25
CA ALA A 47 -2.73 2.98 5.51
C ALA A 47 -1.54 2.34 4.82
N GLY A 48 -1.01 3.01 3.81
CA GLY A 48 0.07 2.43 3.03
C GLY A 48 -0.39 1.18 2.30
N LYS A 49 0.34 0.09 2.49
CA LYS A 49 0.03 -1.16 1.79
C LYS A 49 -0.86 -2.09 2.61
N TYR A 50 -1.43 -1.57 3.69
CA TYR A 50 -2.33 -2.36 4.54
C TYR A 50 -3.78 -1.89 4.41
N ILE A 51 -4.69 -2.85 4.26
CA ILE A 51 -6.13 -2.57 4.34
C ILE A 51 -6.68 -3.23 5.59
N TYR A 52 -7.44 -2.48 6.38
CA TYR A 52 -7.93 -2.97 7.66
C TYR A 52 -9.45 -3.16 7.68
N LEU A 53 -9.89 -4.22 8.34
CA LEU A 53 -11.30 -4.56 8.44
C LEU A 53 -11.69 -4.81 9.89
N MET A 54 -12.51 -3.93 10.46
CA MET A 54 -12.95 -4.07 11.84
C MET A 54 -14.25 -4.85 11.93
N LEU A 55 -14.24 -5.90 12.74
CA LEU A 55 -15.42 -6.76 12.90
C LEU A 55 -15.89 -6.77 14.36
N ILE A 56 -17.18 -6.54 14.55
CA ILE A 56 -17.76 -6.54 15.89
C ILE A 56 -18.93 -7.52 16.00
N SER A 57 -19.23 -7.94 17.22
CA SER A 57 -20.37 -8.79 17.50
C SER A 57 -20.75 -8.63 18.97
N SER A 58 -22.04 -8.61 19.27
CA SER A 58 -22.48 -8.29 20.62
C SER A 58 -21.96 -9.30 21.64
N ASN A 59 -21.33 -8.76 22.68
CA ASN A 59 -20.82 -9.54 23.78
C ASN A 59 -19.72 -10.50 23.42
N LYS A 60 -19.06 -10.17 22.32
CA LYS A 60 -17.94 -10.94 21.81
C LYS A 60 -16.75 -10.03 21.54
N PRO A 61 -15.54 -10.56 21.52
CA PRO A 61 -14.38 -9.70 21.30
C PRO A 61 -14.34 -9.11 19.90
N THR A 62 -13.93 -7.86 19.80
CA THR A 62 -13.75 -7.19 18.51
C THR A 62 -12.45 -7.65 17.87
N TYR A 63 -12.47 -7.86 16.56
CA TYR A 63 -11.27 -8.23 15.82
C TYR A 63 -11.00 -7.29 14.65
N VAL A 64 -9.73 -7.21 14.26
CA VAL A 64 -9.34 -6.48 13.06
C VAL A 64 -8.60 -7.40 12.12
N ILE A 65 -9.08 -7.51 10.89
CA ILE A 65 -8.38 -8.26 9.87
C ILE A 65 -7.52 -7.34 9.03
N ARG A 66 -6.23 -7.62 8.97
CA ARG A 66 -5.30 -6.83 8.18
C ARG A 66 -4.91 -7.57 6.91
N THR A 67 -5.05 -6.89 5.77
CA THR A 67 -4.70 -7.47 4.50
C THR A 67 -3.53 -6.72 3.86
N HIS A 68 -2.51 -7.47 3.47
CA HIS A 68 -1.42 -6.93 2.68
C HIS A 68 -1.43 -7.61 1.31
N MET A 69 -1.84 -6.87 0.29
CA MET A 69 -1.93 -7.42 -1.05
C MET A 69 -0.55 -7.57 -1.66
N MET A 70 -0.21 -8.80 -2.06
CA MET A 70 1.08 -9.06 -2.66
CA MET A 70 1.08 -9.09 -2.67
C MET A 70 1.00 -8.87 -4.17
N MET A 71 2.01 -9.34 -4.89
CA MET A 71 2.03 -9.23 -6.35
C MET A 71 0.80 -9.93 -6.93
N HIS A 72 0.05 -9.20 -7.75
CA HIS A 72 -1.21 -9.67 -8.31
C HIS A 72 -2.22 -9.99 -7.21
N GLY A 73 -2.10 -9.31 -6.08
CA GLY A 73 -3.03 -9.47 -4.97
C GLY A 73 -4.24 -8.57 -5.17
N ARG A 74 -5.42 -9.09 -4.83
CA ARG A 74 -6.67 -8.33 -4.97
C ARG A 74 -7.69 -8.75 -3.93
N ILE A 75 -8.58 -7.82 -3.58
CA ILE A 75 -9.81 -8.16 -2.89
C ILE A 75 -10.95 -7.85 -3.85
N LEU A 76 -11.69 -8.88 -4.25
CA LEU A 76 -12.72 -8.71 -5.29
C LEU A 76 -14.14 -8.85 -4.76
N VAL A 77 -15.03 -7.99 -5.27
CA VAL A 77 -16.44 -8.06 -4.95
C VAL A 77 -17.19 -8.85 -6.01
N GLY A 78 -17.91 -9.89 -5.60
CA GLY A 78 -18.67 -10.71 -6.51
C GLY A 78 -19.91 -11.32 -5.88
N ASN A 79 -20.34 -12.46 -6.40
CA ASN A 79 -21.47 -13.17 -5.83
C ASN A 79 -21.20 -14.67 -5.69
N GLN A 80 -22.24 -15.43 -5.32
CA GLN A 80 -22.09 -16.87 -5.10
C GLN A 80 -21.69 -17.65 -6.36
N ASP A 81 -22.13 -17.12 -7.49
CA ASP A 81 -21.83 -17.60 -8.83
C ASP A 81 -20.36 -17.46 -9.23
N SER A 82 -19.70 -16.44 -8.73
CA SER A 82 -18.34 -16.12 -9.15
C SER A 82 -17.40 -17.27 -8.81
N PRO A 83 -16.32 -17.44 -9.69
CA PRO A 83 -15.45 -18.57 -9.35
C PRO A 83 -14.65 -18.32 -8.08
N THR A 84 -14.52 -19.33 -7.23
CA THR A 84 -13.77 -19.18 -5.99
C THR A 84 -12.36 -19.75 -6.06
N LYS A 85 -11.96 -20.29 -7.21
CA LYS A 85 -10.72 -21.05 -7.26
C LYS A 85 -9.48 -20.23 -6.93
N ARG A 86 -8.65 -20.77 -6.04
CA ARG A 86 -7.37 -20.18 -5.69
C ARG A 86 -7.50 -19.05 -4.66
N ALA A 87 -8.72 -18.80 -4.21
CA ALA A 87 -8.94 -17.70 -3.29
C ALA A 87 -8.54 -18.09 -1.86
N PHE A 88 -7.84 -17.19 -1.19
CA PHE A 88 -7.34 -17.46 0.16
C PHE A 88 -8.44 -17.34 1.20
N MET A 89 -9.42 -16.48 0.94
CA MET A 89 -10.51 -16.28 1.88
C MET A 89 -11.79 -15.84 1.15
N ILE A 90 -12.92 -16.36 1.61
CA ILE A 90 -14.21 -16.07 1.02
C ILE A 90 -15.17 -15.59 2.11
N ILE A 91 -15.73 -14.41 1.94
CA ILE A 91 -16.72 -13.91 2.89
C ILE A 91 -18.02 -13.56 2.20
N GLN A 92 -19.08 -14.31 2.51
CA GLN A 92 -20.40 -13.98 2.01
C GLN A 92 -21.21 -13.20 3.04
N LEU A 93 -21.78 -12.08 2.62
CA LEU A 93 -22.53 -11.21 3.51
C LEU A 93 -24.04 -11.44 3.40
N ASP A 94 -24.80 -10.76 4.25
CA ASP A 94 -26.26 -10.95 4.32
C ASP A 94 -27.01 -10.43 3.09
N ASN A 95 -26.35 -9.60 2.29
CA ASN A 95 -26.96 -9.08 1.07
C ASN A 95 -26.47 -9.80 -0.20
N ASP A 96 -26.01 -11.04 -0.01
CA ASP A 96 -25.53 -11.89 -1.11
C ASP A 96 -24.23 -11.42 -1.78
N ILE A 97 -23.63 -10.35 -1.26
CA ILE A 97 -22.32 -9.92 -1.74
C ILE A 97 -21.25 -10.87 -1.24
N VAL A 98 -20.32 -11.24 -2.11
CA VAL A 98 -19.22 -12.12 -1.72
C VAL A 98 -17.87 -11.44 -1.95
N LEU A 99 -17.07 -11.36 -0.88
CA LEU A 99 -15.73 -10.79 -0.97
C LEU A 99 -14.70 -11.91 -1.09
N ARG A 100 -13.79 -11.78 -2.05
CA ARG A 100 -12.78 -12.81 -2.29
C ARG A 100 -11.36 -12.24 -2.26
N TRP A 101 -10.51 -12.85 -1.43
CA TRP A 101 -9.11 -12.46 -1.32
C TRP A 101 -8.22 -13.32 -2.21
N TYR A 102 -7.34 -12.68 -2.97
CA TYR A 102 -6.38 -13.40 -3.80
C TYR A 102 -4.96 -12.90 -3.55
N ARG A 103 -4.02 -13.84 -3.46
CA ARG A 103 -2.58 -13.54 -3.36
C ARG A 103 -2.29 -12.43 -2.36
N SER A 104 -2.73 -12.62 -1.12
CA SER A 104 -2.59 -11.60 -0.09
C SER A 104 -2.19 -12.22 1.24
N GLN A 105 -1.44 -11.45 2.02
CA GLN A 105 -1.16 -11.83 3.40
C GLN A 105 -2.32 -11.35 4.28
N ILE A 106 -2.94 -12.28 4.98
CA ILE A 106 -4.12 -11.98 5.78
C ILE A 106 -3.86 -12.35 7.24
N THR A 107 -3.99 -11.36 8.12
CA THR A 107 -3.62 -11.52 9.51
C THR A 107 -4.74 -11.06 10.44
N LEU A 108 -5.02 -11.87 11.47
CA LEU A 108 -5.94 -11.47 12.52
C LEU A 108 -5.23 -10.59 13.52
N LEU A 109 -5.79 -9.41 13.78
CA LEU A 109 -5.23 -8.52 14.79
C LEU A 109 -6.24 -8.34 15.94
N ASP A 110 -5.84 -8.76 17.12
CA ASP A 110 -6.63 -8.59 18.32
C ASP A 110 -6.18 -7.30 19.00
N PRO A 111 -7.06 -6.28 19.03
CA PRO A 111 -6.74 -4.96 19.59
C PRO A 111 -6.37 -4.99 21.06
N ASN A 112 -6.70 -6.06 21.76
CA ASN A 112 -6.35 -6.20 23.17
C ASN A 112 -5.11 -7.07 23.38
N CYS A 113 -4.46 -7.45 22.28
CA CYS A 113 -3.32 -8.35 22.36
C CYS A 113 -2.01 -7.61 22.56
N LEU A 114 -1.20 -8.09 23.50
CA LEU A 114 0.08 -7.46 23.82
C LEU A 114 1.27 -8.26 23.31
N ALA A 115 1.01 -9.22 22.43
CA ALA A 115 2.09 -9.98 21.81
C ALA A 115 2.83 -9.13 20.78
N GLU A 116 4.15 -9.29 20.75
CA GLU A 116 4.99 -8.54 19.82
C GLU A 116 4.93 -9.14 18.41
N ILE A 117 4.69 -8.29 17.42
CA ILE A 117 4.66 -8.74 16.03
C ILE A 117 5.50 -7.84 15.14
N LYS A 118 5.91 -8.38 14.00
CA LYS A 118 6.70 -7.62 13.03
C LYS A 118 5.83 -7.08 11.91
N THR A 119 5.76 -5.76 11.80
CA THR A 119 5.05 -5.12 10.70
C THR A 119 6.07 -4.71 9.65
N ASN A 120 5.61 -4.06 8.57
CA ASN A 120 6.54 -3.68 7.50
C ASN A 120 7.38 -2.43 7.80
N TYR A 121 7.33 -1.96 9.04
CA TYR A 121 8.11 -0.78 9.42
C TYR A 121 8.72 -0.90 10.82
N THR A 122 8.21 -1.81 11.64
CA THR A 122 8.70 -1.95 13.01
C THR A 122 8.34 -3.27 13.69
N ILE A 123 8.76 -3.39 14.95
CA ILE A 123 8.30 -4.47 15.82
C ILE A 123 7.57 -3.85 17.01
N CYS A 124 6.32 -4.25 17.22
CA CYS A 124 5.50 -3.66 18.26
C CYS A 124 4.39 -4.63 18.68
N THR A 125 3.63 -4.26 19.70
CA THR A 125 2.50 -5.09 20.12
C THR A 125 1.40 -5.05 19.08
N THR A 126 0.54 -6.06 19.09
CA THR A 126 -0.60 -6.12 18.18
C THR A 126 -1.49 -4.90 18.37
N ARG A 127 -1.69 -4.51 19.62
CA ARG A 127 -2.49 -3.33 19.94
C ARG A 127 -1.89 -2.06 19.35
N GLN A 128 -0.58 -1.90 19.50
CA GLN A 128 0.12 -0.72 18.99
C GLN A 128 0.07 -0.66 17.46
N ALA A 129 0.11 -1.81 16.82
CA ALA A 129 0.05 -1.89 15.36
C ALA A 129 -1.25 -1.28 14.82
N ILE A 130 -2.35 -1.54 15.50
CA ILE A 130 -3.65 -0.97 15.12
C ILE A 130 -3.68 0.54 15.37
N MET A 131 -3.12 0.98 16.48
CA MET A 131 -3.07 2.39 16.81
CA MET A 131 -3.07 2.39 16.81
C MET A 131 -2.18 3.15 15.83
N ASP A 132 -1.05 2.54 15.46
CA ASP A 132 -0.13 3.17 14.51
C ASP A 132 -0.76 3.37 13.14
N SER A 133 -1.63 2.45 12.74
CA SER A 133 -2.27 2.52 11.42
C SER A 133 -3.08 3.81 11.28
N ILE A 134 -3.68 4.24 12.38
CA ILE A 134 -4.46 5.48 12.41
C ILE A 134 -3.55 6.68 12.16
N LYS A 135 -2.37 6.67 12.78
CA LYS A 135 -1.40 7.75 12.61
C LYS A 135 -0.77 7.74 11.23
N LEU A 136 -0.51 6.54 10.71
CA LEU A 136 0.16 6.38 9.43
C LEU A 136 -0.67 6.83 8.23
N MET A 137 -1.98 6.94 8.41
CA MET A 137 -2.87 7.41 7.34
C MET A 137 -2.51 8.85 6.94
N LYS A 138 -2.01 9.61 7.90
CA LYS A 138 -1.66 11.00 7.66
C LYS A 138 -0.40 11.13 6.80
N TYR A 139 0.36 10.05 6.69
CA TYR A 139 1.61 10.07 5.93
C TYR A 139 1.46 9.40 4.57
N ASP A 140 0.28 8.82 4.33
CA ASP A 140 -0.02 8.14 3.07
C ASP A 140 -0.39 9.18 2.02
N LEU A 141 0.45 9.30 1.00
CA LEU A 141 0.27 10.30 -0.05
C LEU A 141 -1.03 10.15 -0.84
N SER A 142 -1.61 8.96 -0.84
CA SER A 142 -2.86 8.71 -1.57
C SER A 142 -4.09 8.77 -0.68
N ASN A 143 -3.88 8.89 0.63
CA ASN A 143 -4.98 8.85 1.58
C ASN A 143 -5.63 10.22 1.76
N ASN A 144 -6.96 10.26 1.86
CA ASN A 144 -7.68 11.51 2.06
C ASN A 144 -7.38 12.16 3.41
N ARG A 145 -6.78 11.41 4.33
CA ARG A 145 -6.39 11.96 5.62
C ARG A 145 -4.95 12.46 5.62
N PHE A 146 -4.33 12.50 4.44
CA PHE A 146 -2.96 12.99 4.30
C PHE A 146 -2.82 14.40 4.88
N ASP A 147 -1.83 14.58 5.73
CA ASP A 147 -1.59 15.86 6.39
C ASP A 147 -0.22 16.37 5.96
N TYR A 148 -0.22 17.34 5.05
CA TYR A 148 1.02 17.88 4.47
C TYR A 148 2.02 18.33 5.53
N ASN A 149 1.59 19.20 6.43
CA ASN A 149 2.48 19.74 7.45
C ASN A 149 3.07 18.69 8.37
N LEU A 150 2.26 17.73 8.79
CA LEU A 150 2.72 16.66 9.66
C LEU A 150 3.65 15.71 8.91
N PHE A 151 3.35 15.48 7.63
CA PHE A 151 4.17 14.63 6.79
C PHE A 151 5.58 15.22 6.61
N GLN A 152 5.63 16.52 6.40
CA GLN A 152 6.91 17.20 6.18
C GLN A 152 7.79 17.16 7.42
N SER A 153 7.18 17.40 8.58
CA SER A 153 7.90 17.35 9.85
C SER A 153 8.42 15.93 10.10
N HIS A 154 7.57 14.95 9.84
CA HIS A 154 7.91 13.55 10.03
C HIS A 154 9.04 13.14 9.10
N LEU A 155 8.96 13.59 7.85
CA LEU A 155 9.97 13.29 6.84
C LEU A 155 11.35 13.84 7.21
N LYS A 156 11.37 15.02 7.81
CA LYS A 156 12.63 15.66 8.20
C LYS A 156 13.37 14.83 9.25
N ASN A 157 12.62 14.19 10.14
CA ASN A 157 13.22 13.30 11.13
C ASN A 157 13.84 12.06 10.47
N GLY A 158 13.14 11.51 9.49
CA GLY A 158 13.60 10.31 8.79
C GLY A 158 14.82 10.56 7.94
N ILE A 159 14.93 11.77 7.40
CA ILE A 159 16.08 12.15 6.60
C ILE A 159 17.35 12.17 7.46
N ASN A 160 17.21 12.64 8.69
CA ASN A 160 18.32 12.67 9.63
C ASN A 160 18.69 11.28 10.14
N ILE A 161 17.69 10.43 10.33
CA ILE A 161 17.90 9.08 10.83
C ILE A 161 18.51 8.15 9.78
N HIS A 162 17.96 8.19 8.57
CA HIS A 162 18.41 7.31 7.49
C HIS A 162 19.33 8.03 6.50
N SER A 163 20.16 8.92 7.02
CA SER A 163 21.04 9.73 6.19
C SER A 163 22.06 8.91 5.38
N SER A 164 22.40 7.73 5.89
CA SER A 164 23.48 6.94 5.31
C SER A 164 23.04 6.02 4.17
N GLU A 165 21.75 5.72 4.08
CA GLU A 165 21.28 4.78 3.05
C GLU A 165 20.96 5.47 1.73
N ILE A 166 20.90 4.69 0.66
CA ILE A 166 20.59 5.23 -0.66
C ILE A 166 19.13 5.66 -0.75
N ILE A 167 18.83 6.54 -1.70
CA ILE A 167 17.50 7.14 -1.80
C ILE A 167 16.39 6.12 -2.10
N THR A 168 16.69 5.12 -2.92
CA THR A 168 15.72 4.07 -3.24
C THR A 168 15.25 3.34 -2.00
N ASP A 169 16.18 3.03 -1.10
CA ASP A 169 15.88 2.37 0.14
C ASP A 169 14.99 3.22 1.01
N PHE A 170 15.26 4.52 1.05
CA PHE A 170 14.50 5.45 1.88
C PHE A 170 13.09 5.68 1.32
N LEU A 171 12.96 5.72 0.01
CA LEU A 171 11.66 5.94 -0.62
C LEU A 171 10.74 4.73 -0.44
N LEU A 172 11.33 3.59 -0.13
CA LEU A 172 10.57 2.36 0.08
C LEU A 172 10.31 2.09 1.57
N ASP A 173 10.80 2.99 2.42
CA ASP A 173 10.57 2.87 3.86
C ASP A 173 9.10 3.15 4.15
N GLN A 174 8.41 2.14 4.67
CA GLN A 174 6.96 2.23 4.87
C GLN A 174 6.55 3.01 6.11
N GLU A 175 7.54 3.44 6.90
CA GLU A 175 7.26 4.30 8.03
C GLU A 175 7.13 5.75 7.56
N TYR A 176 7.90 6.10 6.53
CA TYR A 176 7.95 7.48 6.05
C TYR A 176 7.23 7.70 4.72
N PHE A 177 7.18 6.67 3.89
CA PHE A 177 6.44 6.73 2.64
C PHE A 177 5.47 5.55 2.50
N PRO A 178 4.51 5.44 3.43
CA PRO A 178 3.59 4.30 3.36
C PRO A 178 2.76 4.32 2.09
N GLY A 179 2.83 3.24 1.31
CA GLY A 179 2.08 3.14 0.07
C GLY A 179 2.98 3.19 -1.15
N VAL A 180 4.16 3.78 -1.00
CA VAL A 180 5.10 3.89 -2.11
C VAL A 180 5.77 2.54 -2.37
N GLY A 181 5.74 2.11 -3.63
CA GLY A 181 6.33 0.85 -4.03
C GLY A 181 7.42 1.03 -5.08
N ASN A 182 7.81 -0.09 -5.70
CA ASN A 182 8.95 -0.11 -6.60
C ASN A 182 8.77 0.74 -7.87
N ILE A 183 7.58 0.74 -8.42
CA ILE A 183 7.31 1.51 -9.63
C ILE A 183 7.34 3.02 -9.33
N LEU A 184 6.68 3.43 -8.26
CA LEU A 184 6.62 4.83 -7.87
C LEU A 184 7.98 5.44 -7.58
N GLN A 185 8.79 4.72 -6.81
CA GLN A 185 10.09 5.24 -6.39
C GLN A 185 11.02 5.54 -7.58
N GLN A 186 11.04 4.66 -8.57
CA GLN A 186 11.94 4.84 -9.70
C GLN A 186 11.41 5.82 -10.74
N GLU A 187 10.08 5.88 -10.88
CA GLU A 187 9.46 6.86 -11.76
C GLU A 187 9.69 8.28 -11.22
N ALA A 188 9.59 8.42 -9.90
CA ALA A 188 9.79 9.72 -9.27
C ALA A 188 11.26 10.14 -9.36
N LEU A 189 12.16 9.19 -9.17
CA LEU A 189 13.59 9.47 -9.22
C LEU A 189 14.02 9.93 -10.60
N TYR A 190 13.43 9.35 -11.65
CA TYR A 190 13.73 9.78 -13.00
C TYR A 190 13.14 11.16 -13.27
N ASP A 191 11.94 11.39 -12.76
CA ASP A 191 11.23 12.66 -12.95
C ASP A 191 12.03 13.81 -12.33
N CYS A 192 12.79 13.51 -11.28
CA CYS A 192 13.56 14.51 -10.57
C CYS A 192 15.05 14.44 -10.88
N LYS A 193 15.41 13.60 -11.85
CA LYS A 193 16.80 13.46 -12.30
C LYS A 193 17.76 13.14 -11.15
N ILE A 194 17.32 12.25 -10.27
CA ILE A 194 18.14 11.84 -9.13
C ILE A 194 18.59 10.40 -9.27
N LEU A 195 19.89 10.16 -9.10
CA LEU A 195 20.43 8.80 -9.19
C LEU A 195 19.97 7.99 -7.99
N PRO A 196 19.41 6.79 -8.24
CA PRO A 196 18.89 5.92 -7.18
C PRO A 196 19.97 5.54 -6.17
N LEU A 197 21.22 5.54 -6.59
CA LEU A 197 22.35 5.13 -5.74
C LEU A 197 22.83 6.27 -4.84
N LYS A 198 22.29 7.46 -5.05
CA LYS A 198 22.68 8.63 -4.28
C LYS A 198 22.22 8.50 -2.83
N LYS A 199 23.07 8.87 -1.88
CA LYS A 199 22.72 8.79 -0.47
C LYS A 199 21.75 9.90 -0.06
N VAL A 200 20.92 9.59 0.93
CA VAL A 200 19.92 10.53 1.43
C VAL A 200 20.54 11.85 1.89
N GLN A 201 21.70 11.76 2.55
CA GLN A 201 22.37 12.93 3.10
C GLN A 201 22.87 13.89 2.02
N ASP A 202 23.04 13.39 0.81
CA ASP A 202 23.58 14.19 -0.29
C ASP A 202 22.48 14.88 -1.10
N ILE A 203 21.22 14.70 -0.70
CA ILE A 203 20.11 15.34 -1.38
C ILE A 203 19.68 16.59 -0.62
N ASP A 204 19.65 17.72 -1.33
CA ASP A 204 19.33 19.04 -0.79
C ASP A 204 17.85 19.35 -0.59
N GLU A 205 17.55 20.44 0.08
CA GLU A 205 16.17 20.81 0.39
C GLU A 205 15.22 20.88 -0.80
N PRO A 206 15.59 21.58 -1.89
CA PRO A 206 14.64 21.67 -3.00
C PRO A 206 14.37 20.33 -3.69
N MET A 207 15.31 19.40 -3.61
CA MET A 207 15.16 18.12 -4.32
C MET A 207 14.33 17.09 -3.55
N PHE A 208 14.39 17.12 -2.23
CA PHE A 208 13.47 16.32 -1.44
C PHE A 208 12.02 16.79 -1.60
N ASP A 209 11.86 18.10 -1.65
CA ASP A 209 10.55 18.68 -1.92
C ASP A 209 10.13 18.28 -3.32
N CYS A 210 11.10 18.25 -4.23
CA CYS A 210 10.86 17.86 -5.61
C CYS A 210 10.38 16.41 -5.70
N LEU A 211 11.03 15.53 -4.93
CA LEU A 211 10.67 14.11 -4.91
C LEU A 211 9.25 13.88 -4.40
N CYS A 212 8.88 14.59 -3.34
CA CYS A 212 7.55 14.45 -2.76
C CYS A 212 6.46 14.93 -3.71
N ASN A 213 6.72 16.04 -4.40
CA ASN A 213 5.78 16.55 -5.39
C ASN A 213 5.63 15.58 -6.56
N SER A 214 6.74 14.99 -6.97
CA SER A 214 6.75 14.03 -8.06
C SER A 214 5.97 12.77 -7.70
N LEU A 215 6.20 12.27 -6.49
CA LEU A 215 5.50 11.09 -6.00
C LEU A 215 3.99 11.29 -6.01
N LYS A 216 3.55 12.41 -5.46
CA LYS A 216 2.12 12.69 -5.38
CA LYS A 216 2.13 12.74 -5.38
C LYS A 216 1.52 12.92 -6.76
N LYS A 217 2.30 13.51 -7.67
CA LYS A 217 1.83 13.75 -9.03
C LYS A 217 1.57 12.45 -9.78
N ILE A 218 2.50 11.52 -9.68
CA ILE A 218 2.38 10.21 -10.34
C ILE A 218 1.23 9.40 -9.74
N ILE A 219 1.06 9.49 -8.42
CA ILE A 219 -0.07 8.85 -7.76
C ILE A 219 -1.39 9.42 -8.26
N ASP A 220 -1.43 10.74 -8.43
CA ASP A 220 -2.60 11.42 -8.98
C ASP A 220 -2.90 10.94 -10.40
N LEU A 221 -1.85 10.79 -11.21
CA LEU A 221 -1.99 10.34 -12.58
C LEU A 221 -2.51 8.90 -12.64
N LEU A 222 -1.97 8.04 -11.78
CA LEU A 222 -2.43 6.66 -11.69
C LEU A 222 -3.89 6.59 -11.27
N TYR A 223 -4.27 7.45 -10.34
CA TYR A 223 -5.65 7.47 -9.86
C TYR A 223 -6.59 8.00 -10.95
N GLU A 224 -6.14 9.02 -11.67
CA GLU A 224 -6.91 9.60 -12.75
C GLU A 224 -7.11 8.60 -13.88
N SER A 225 -6.08 7.78 -14.12
CA SER A 225 -6.15 6.73 -15.14
C SER A 225 -7.23 5.72 -14.80
N TYR A 226 -7.37 5.43 -13.50
CA TYR A 226 -8.41 4.54 -13.02
C TYR A 226 -9.80 5.14 -13.19
N LYS A 227 -9.91 6.43 -12.91
CA LYS A 227 -11.18 7.13 -13.06
C LYS A 227 -11.63 7.15 -14.52
N PHE A 228 -10.67 7.20 -15.43
CA PHE A 228 -10.96 7.15 -16.86
C PHE A 228 -11.48 5.78 -17.27
N ARG A 229 -10.79 4.74 -16.81
CA ARG A 229 -11.14 3.37 -17.14
C ARG A 229 -12.54 3.06 -16.63
N GLU A 230 -12.87 3.59 -15.47
CA GLU A 230 -14.15 3.31 -14.88
C GLU A 230 -15.28 3.81 -15.74
N SER A 231 -15.05 4.89 -16.45
CA SER A 231 -16.07 5.48 -17.31
C SER A 231 -15.91 5.06 -18.77
N GLY A 232 -15.09 4.03 -19.00
CA GLY A 232 -14.94 3.46 -20.32
C GLY A 232 -13.99 4.20 -21.24
N LYS A 233 -13.11 5.01 -20.66
CA LYS A 233 -12.17 5.78 -21.45
C LYS A 233 -10.74 5.31 -21.23
N GLU A 234 -9.82 5.75 -22.10
CA GLU A 234 -8.42 5.44 -21.95
C GLU A 234 -7.61 6.70 -21.68
N PHE A 235 -6.90 6.70 -20.56
CA PHE A 235 -6.14 7.87 -20.14
C PHE A 235 -4.83 8.02 -20.92
N GLY A 236 -4.23 6.89 -21.28
CA GLY A 236 -2.97 6.90 -21.99
C GLY A 236 -1.80 6.54 -21.10
N PRO A 237 -0.65 6.23 -21.70
CA PRO A 237 0.54 5.82 -20.94
C PRO A 237 1.07 6.93 -20.06
N ILE A 238 1.63 6.59 -18.91
CA ILE A 238 2.18 7.57 -17.98
C ILE A 238 3.56 7.17 -17.45
N LEU A 239 3.91 5.90 -17.63
CA LEU A 239 5.21 5.40 -17.17
C LEU A 239 6.32 5.85 -18.13
N ARG A 240 7.43 6.30 -17.57
CA ARG A 240 8.51 6.88 -18.37
C ARG A 240 9.83 6.13 -18.27
N ILE A 241 10.03 5.39 -17.18
CA ILE A 241 11.31 4.71 -16.97
C ILE A 241 11.14 3.25 -16.53
N TYR A 242 9.95 2.88 -16.08
CA TYR A 242 9.74 1.54 -15.56
C TYR A 242 9.86 0.48 -16.66
N ARG A 243 10.86 -0.37 -16.53
CA ARG A 243 11.10 -1.47 -17.46
C ARG A 243 11.31 -0.98 -18.89
N LYS A 244 11.86 0.21 -19.01
CA LYS A 244 12.17 0.79 -20.31
C LYS A 244 13.63 0.52 -20.67
N SER A 245 13.88 0.21 -21.94
CA SER A 245 15.24 0.01 -22.43
C SER A 245 15.86 1.36 -22.79
N LEU A 246 15.03 2.28 -23.25
CA LEU A 246 15.48 3.63 -23.58
C LEU A 246 14.66 4.69 -22.83
N CYS A 247 15.34 5.63 -22.22
CA CYS A 247 14.67 6.76 -21.57
C CYS A 247 13.98 7.57 -22.67
N PRO A 248 12.98 8.38 -22.30
CA PRO A 248 12.25 9.13 -23.34
C PRO A 248 13.11 10.14 -24.12
N LEU A 249 14.33 10.40 -23.65
CA LEU A 249 15.25 11.25 -24.40
C LEU A 249 16.04 10.42 -25.42
N GLY A 250 16.14 9.12 -25.17
CA GLY A 250 16.80 8.21 -26.09
C GLY A 250 18.05 7.54 -25.56
N HIS A 251 18.34 7.77 -24.28
CA HIS A 251 19.53 7.18 -23.67
C HIS A 251 19.28 5.72 -23.30
N LYS A 252 20.35 4.93 -23.29
CA LYS A 252 20.27 3.54 -22.87
C LYS A 252 20.24 3.48 -21.34
N THR A 253 19.32 2.68 -20.80
CA THR A 253 19.12 2.62 -19.36
C THR A 253 19.87 1.48 -18.68
N ILE A 254 19.96 1.55 -17.37
CA ILE A 254 20.55 0.48 -16.56
C ILE A 254 19.49 -0.12 -15.65
N ARG A 255 19.44 -1.45 -15.59
CA ARG A 255 18.44 -2.15 -14.79
C ARG A 255 19.08 -3.23 -13.91
N LYS A 256 19.04 -3.04 -12.59
CA LYS A 256 19.58 -4.02 -11.66
C LYS A 256 18.96 -3.86 -10.27
N LYS A 257 19.22 -4.84 -9.40
CA LYS A 257 18.76 -4.79 -8.02
C LYS A 257 19.74 -3.98 -7.17
N ILE A 258 19.21 -3.07 -6.37
CA ILE A 258 20.05 -2.18 -5.57
C ILE A 258 19.56 -2.07 -4.13
N GLY A 259 20.44 -1.58 -3.26
CA GLY A 259 20.08 -1.34 -1.88
C GLY A 259 19.92 -2.61 -1.06
N LEU A 260 19.68 -2.44 0.23
CA LEU A 260 19.46 -3.57 1.13
C LEU A 260 18.15 -4.28 0.79
N ARG A 261 17.23 -3.53 0.20
CA ARG A 261 15.87 -3.99 -0.16
CA ARG A 261 15.93 -4.08 -0.17
C ARG A 261 16.00 -4.92 -1.44
N ASN A 262 17.08 -4.74 -2.18
CA ASN A 262 17.35 -5.52 -3.37
C ASN A 262 16.25 -5.50 -4.41
N ARG A 263 15.58 -4.35 -4.52
CA ARG A 263 14.66 -4.13 -5.63
CA ARG A 263 14.60 -4.16 -5.62
C ARG A 263 15.07 -3.53 -7.04
N MET A 264 14.49 -4.19 -8.03
CA MET A 264 15.02 -4.02 -9.36
C MET A 264 14.64 -2.64 -9.84
N THR A 265 15.64 -1.80 -10.12
CA THR A 265 15.38 -0.42 -10.49
C THR A 265 15.99 -0.07 -11.85
N THR A 266 15.19 0.57 -12.70
CA THR A 266 15.68 1.08 -13.98
C THR A 266 15.94 2.58 -13.87
N TRP A 267 17.13 3.01 -14.24
CA TRP A 267 17.46 4.43 -14.22
C TRP A 267 18.34 4.82 -15.40
N CYS A 268 18.27 6.09 -15.78
CA CYS A 268 19.12 6.62 -16.83
C CYS A 268 20.37 7.25 -16.24
N PRO A 269 21.55 6.71 -16.56
CA PRO A 269 22.82 7.20 -16.01
C PRO A 269 23.15 8.61 -16.49
N VAL A 270 22.56 9.00 -17.60
CA VAL A 270 22.77 10.34 -18.15
C VAL A 270 21.81 11.36 -17.52
N CYS A 271 20.52 11.10 -17.63
CA CYS A 271 19.50 12.01 -17.09
C CYS A 271 19.58 12.13 -15.57
N GLN A 272 19.78 11.00 -14.91
CA GLN A 272 19.84 10.96 -13.46
C GLN A 272 21.28 10.90 -12.97
N LEU A 273 21.75 12.01 -12.44
CA LEU A 273 23.12 12.15 -11.98
C LEU A 273 23.15 12.56 -10.52
#